data_4P0V
#
_entry.id   4P0V
#
_cell.length_a   112.143
_cell.length_b   112.143
_cell.length_c   67.053
_cell.angle_alpha   90.000
_cell.angle_beta   90.000
_cell.angle_gamma   90.000
#
_symmetry.space_group_name_H-M   'P 41 21 2'
#
loop_
_entity.id
_entity.type
_entity.pdbx_description
1 polymer 'Farnesyl pyrophosphate synthase'
2 non-polymer 'ZOLEDRONIC ACID'
3 non-polymer (5beta)-11-hydroxyabieta-7,9(11),13-triene-6,12-dione
4 non-polymer 'MAGNESIUM ION'
5 water water
#
_entity_poly.entity_id   1
_entity_poly.type   'polypeptide(L)'
_entity_poly.pdbx_seq_one_letter_code
;SDVYAQEKQDFVQHFSQIVRVLTEDEMGHPEIGDAIARLKEVLEYNAIGGKYNRGLTVVVAFRELVEPRKQDADSLQRAW
TVGWCVELLQAFFLVADDIMDSSLTRRGQICWYQKPGVGLDAINDANLLEACIYRLLKLYCREQPYYLNLIELFLQSSYQ
TEIGQTLDLLTAPQGNVDLVRFTEKRYKSIVKYKTAFYSFYLPIAAAMYMAGIDGEKEHANAKKILLEMGEFFQIQDDYL
DLFGDPSVTGKIGTDIQDNKCSWLVVQCLQRATPEQYQILKENYGQKEAEKVARVKALYEELDLPAVFLQYEEDSYSHIM
ALIEQYAAPLPPAVFLGLARKIYKRRK
;
_entity_poly.pdbx_strand_id   A
#
loop_
_chem_comp.id
_chem_comp.type
_chem_comp.name
_chem_comp.formula
1WO non-polymer (5beta)-11-hydroxyabieta-7,9(11),13-triene-6,12-dione 'C20 H26 O3'
MG non-polymer 'MAGNESIUM ION' 'Mg 2'
ZOL non-polymer 'ZOLEDRONIC ACID' 'C5 H10 N2 O7 P2'
#
# COMPACT_ATOMS: atom_id res chain seq x y z
N ASP A 2 -0.88 17.50 -8.65
CA ASP A 2 -1.72 18.72 -8.99
C ASP A 2 -3.02 18.65 -8.20
N VAL A 3 -3.93 17.77 -8.62
CA VAL A 3 -5.21 17.60 -7.90
C VAL A 3 -4.99 17.02 -6.51
N TYR A 4 -4.11 16.03 -6.44
CA TYR A 4 -3.65 15.47 -5.18
C TYR A 4 -3.02 16.54 -4.30
N ALA A 5 -2.12 17.34 -4.89
CA ALA A 5 -1.30 18.29 -4.12
C ALA A 5 -2.15 19.40 -3.50
N GLN A 6 -3.18 19.86 -4.20
CA GLN A 6 -4.03 20.89 -3.61
C GLN A 6 -4.91 20.36 -2.48
N GLU A 7 -5.30 19.08 -2.56
CA GLU A 7 -6.18 18.46 -1.54
C GLU A 7 -5.48 17.93 -0.27
N LYS A 8 -4.17 17.76 -0.33
CA LYS A 8 -3.41 17.15 0.75
C LYS A 8 -3.75 17.84 2.08
N GLN A 9 -3.61 19.16 2.10
CA GLN A 9 -3.68 19.93 3.34
C GLN A 9 -5.04 19.76 3.99
N ASP A 10 -6.08 19.92 3.20
CA ASP A 10 -7.43 19.73 3.72
C ASP A 10 -7.52 18.36 4.37
N PHE A 11 -7.12 17.33 3.59
CA PHE A 11 -7.19 15.93 4.02
C PHE A 11 -6.43 15.68 5.37
N VAL A 12 -5.26 16.25 5.52
CA VAL A 12 -4.47 16.01 6.71
C VAL A 12 -5.10 16.69 7.94
N GLN A 13 -5.75 17.82 7.68
CA GLN A 13 -6.33 18.62 8.73
C GLN A 13 -7.49 17.88 9.31
N HIS A 14 -8.13 17.03 8.51
CA HIS A 14 -9.28 16.25 9.01
C HIS A 14 -8.90 15.12 9.97
N PHE A 15 -7.61 14.81 10.07
CA PHE A 15 -7.13 13.77 10.95
C PHE A 15 -7.45 14.04 12.41
N SER A 16 -7.20 15.23 12.90
CA SER A 16 -7.64 15.64 14.27
C SER A 16 -9.05 15.17 14.69
N GLN A 17 -10.04 15.43 13.82
CA GLN A 17 -11.42 14.96 14.04
C GLN A 17 -11.59 13.42 14.06
N ILE A 18 -10.95 12.73 13.10
CA ILE A 18 -10.80 11.27 13.15
C ILE A 18 -10.37 10.79 14.55
N VAL A 19 -9.31 11.40 15.06
CA VAL A 19 -8.77 11.01 16.36
C VAL A 19 -9.77 11.33 17.46
N ARG A 20 -10.33 12.53 17.38
CA ARG A 20 -11.29 12.98 18.37
C ARG A 20 -12.44 12.01 18.43
N VAL A 21 -13.07 11.76 17.29
CA VAL A 21 -14.21 10.85 17.23
C VAL A 21 -13.87 9.42 17.72
N LEU A 22 -12.68 8.93 17.40
CA LEU A 22 -12.22 7.62 17.89
C LEU A 22 -11.85 7.59 19.36
N THR A 23 -11.57 8.73 19.97
CA THR A 23 -11.08 8.75 21.36
C THR A 23 -12.12 9.26 22.37
N GLU A 24 -13.30 9.64 21.90
CA GLU A 24 -14.25 10.36 22.75
C GLU A 24 -15.44 9.49 23.12
N ASP A 25 -16.00 8.79 22.13
CA ASP A 25 -17.25 8.04 22.28
C ASP A 25 -17.00 6.66 22.90
N GLU A 26 -15.82 6.49 23.52
CA GLU A 26 -15.71 5.73 24.76
C GLU A 26 -14.97 6.54 25.84
N MET A 27 -15.60 7.63 26.32
CA MET A 27 -15.12 8.36 27.53
C MET A 27 -16.23 8.83 28.50
N GLY A 28 -17.49 8.48 28.22
CA GLY A 28 -18.32 7.73 29.18
C GLY A 28 -18.20 6.22 29.05
N HIS A 29 -16.99 5.73 28.75
CA HIS A 29 -16.41 4.55 29.40
C HIS A 29 -15.02 4.86 29.96
N PRO A 30 -14.93 5.64 31.05
CA PRO A 30 -13.61 6.08 31.55
C PRO A 30 -12.70 4.97 32.06
N GLU A 31 -13.27 3.82 32.39
CA GLU A 31 -12.46 2.62 32.76
C GLU A 31 -11.42 2.19 31.67
N ILE A 32 -11.76 2.34 30.39
CA ILE A 32 -10.83 2.06 29.30
C ILE A 32 -9.91 3.23 28.92
N GLY A 33 -9.80 4.23 29.79
CA GLY A 33 -9.25 5.51 29.38
C GLY A 33 -7.83 5.38 28.93
N ASP A 34 -7.05 4.58 29.64
CA ASP A 34 -5.63 4.37 29.26
C ASP A 34 -5.47 3.61 27.93
N ALA A 35 -6.39 2.69 27.62
CA ALA A 35 -6.35 2.00 26.33
C ALA A 35 -6.58 2.98 25.21
N ILE A 36 -7.51 3.90 25.45
CA ILE A 36 -7.91 4.87 24.46
C ILE A 36 -6.79 5.89 24.23
N ALA A 37 -6.11 6.30 25.31
CA ALA A 37 -4.84 7.07 25.15
C ALA A 37 -3.79 6.32 24.33
N ARG A 38 -3.68 5.03 24.54
CA ARG A 38 -2.71 4.26 23.75
C ARG A 38 -3.14 4.25 22.27
N LEU A 39 -4.45 4.18 21.99
CA LEU A 39 -4.98 4.21 20.63
C LEU A 39 -4.61 5.49 19.98
N LYS A 40 -4.87 6.59 20.70
CA LYS A 40 -4.49 7.89 20.18
C LYS A 40 -3.05 7.80 19.72
N GLU A 41 -2.17 7.35 20.62
CA GLU A 41 -0.75 7.36 20.31
C GLU A 41 -0.42 6.43 19.14
N VAL A 42 -1.05 5.27 19.09
CA VAL A 42 -0.88 4.34 17.98
C VAL A 42 -1.21 4.99 16.61
N LEU A 43 -2.29 5.78 16.59
CA LEU A 43 -2.79 6.41 15.37
C LEU A 43 -1.82 7.50 14.88
N GLU A 44 -1.33 8.27 15.86
CA GLU A 44 -0.50 9.43 15.55
C GLU A 44 0.82 8.93 15.02
N TYR A 45 1.33 7.84 15.56
CA TYR A 45 2.61 7.37 15.12
C TYR A 45 2.53 6.66 13.75
N ASN A 46 1.44 5.92 13.50
CA ASN A 46 1.35 4.98 12.36
C ASN A 46 0.42 5.37 11.20
N ALA A 47 -0.50 6.32 11.40
CA ALA A 47 -1.28 6.89 10.29
C ALA A 47 -0.73 8.14 9.58
N ILE A 48 0.33 8.74 10.11
CA ILE A 48 0.80 10.05 9.72
C ILE A 48 2.22 9.91 9.25
N GLY A 49 2.59 10.63 8.18
CA GLY A 49 3.99 10.69 7.72
C GLY A 49 4.25 10.14 6.31
N GLY A 50 3.25 9.55 5.69
CA GLY A 50 3.41 9.06 4.36
C GLY A 50 2.83 10.06 3.38
N LYS A 51 2.69 9.64 2.12
CA LYS A 51 2.26 10.51 1.05
C LYS A 51 0.73 10.76 0.97
N TYR A 52 -0.06 9.77 1.39
CA TYR A 52 -1.51 9.81 1.58
C TYR A 52 -2.18 9.57 0.24
N ASN A 53 -1.43 8.92 -0.68
CA ASN A 53 -1.94 8.74 -2.02
C ASN A 53 -3.23 7.99 -2.04
N ARG A 54 -3.38 7.05 -1.10
CA ARG A 54 -4.49 6.10 -1.18
C ARG A 54 -5.72 6.76 -0.68
N GLY A 55 -5.56 7.51 0.42
CA GLY A 55 -6.68 8.24 1.01
C GLY A 55 -7.07 9.44 0.16
N LEU A 56 -6.09 10.14 -0.35
CA LEU A 56 -6.34 11.17 -1.33
C LEU A 56 -7.02 10.63 -2.56
N THR A 57 -6.74 9.38 -2.94
CA THR A 57 -7.40 8.85 -4.12
C THR A 57 -8.93 8.77 -3.85
N VAL A 58 -9.33 8.44 -2.62
CA VAL A 58 -10.78 8.31 -2.32
C VAL A 58 -11.41 9.69 -2.45
N VAL A 59 -10.77 10.73 -1.92
CA VAL A 59 -11.37 12.08 -1.95
C VAL A 59 -11.41 12.69 -3.39
N VAL A 60 -10.33 12.51 -4.11
CA VAL A 60 -10.21 12.95 -5.48
C VAL A 60 -11.21 12.26 -6.40
N ALA A 61 -11.17 10.94 -6.43
CA ALA A 61 -12.11 10.23 -7.28
C ALA A 61 -13.53 10.66 -6.91
N PHE A 62 -13.79 10.88 -5.62
CA PHE A 62 -15.16 11.17 -5.19
C PHE A 62 -15.61 12.50 -5.81
N ARG A 63 -14.76 13.52 -5.67
CA ARG A 63 -14.98 14.82 -6.30
C ARG A 63 -15.30 14.73 -7.79
N GLU A 64 -14.63 13.81 -8.48
CA GLU A 64 -14.68 13.73 -9.91
C GLU A 64 -15.84 12.92 -10.42
N LEU A 65 -16.53 12.22 -9.53
CA LEU A 65 -17.60 11.32 -9.94
C LEU A 65 -18.99 11.71 -9.42
N VAL A 66 -19.07 12.63 -8.47
CA VAL A 66 -20.36 13.14 -8.01
C VAL A 66 -20.54 14.53 -8.59
N GLU A 67 -21.74 14.84 -9.08
CA GLU A 67 -22.16 16.22 -9.41
C GLU A 67 -22.02 17.17 -8.20
N PRO A 68 -21.42 18.35 -8.40
CA PRO A 68 -21.18 19.31 -7.31
C PRO A 68 -22.40 19.69 -6.46
N ARG A 69 -23.56 19.69 -7.09
CA ARG A 69 -24.82 19.91 -6.40
C ARG A 69 -25.19 18.79 -5.43
N LYS A 70 -24.50 17.66 -5.51
CA LYS A 70 -24.68 16.57 -4.54
C LYS A 70 -23.49 16.44 -3.57
N GLN A 71 -22.51 17.34 -3.68
CA GLN A 71 -21.39 17.37 -2.73
C GLN A 71 -21.67 18.33 -1.58
N ASP A 72 -22.77 18.05 -0.87
CA ASP A 72 -23.03 18.69 0.41
C ASP A 72 -21.87 18.44 1.41
N ALA A 73 -21.86 19.18 2.50
CA ALA A 73 -20.74 19.17 3.43
C ALA A 73 -20.57 17.82 4.16
N ASP A 74 -21.69 17.28 4.64
CA ASP A 74 -21.79 15.92 5.15
C ASP A 74 -21.18 14.87 4.18
N SER A 75 -21.41 15.04 2.88
CA SER A 75 -20.99 14.05 1.89
C SER A 75 -19.50 14.09 1.70
N LEU A 76 -18.93 15.29 1.72
CA LEU A 76 -17.49 15.45 1.78
C LEU A 76 -16.90 14.86 3.04
N GLN A 77 -17.55 15.11 4.16
CA GLN A 77 -17.08 14.62 5.43
C GLN A 77 -16.95 13.08 5.37
N ARG A 78 -17.97 12.41 4.88
CA ARG A 78 -17.92 11.00 4.62
C ARG A 78 -16.77 10.67 3.67
N ALA A 79 -16.67 11.32 2.52
CA ALA A 79 -15.63 10.98 1.57
C ALA A 79 -14.24 10.99 2.18
N TRP A 80 -13.88 12.01 2.97
CA TRP A 80 -12.52 11.94 3.54
C TRP A 80 -12.40 11.06 4.79
N THR A 81 -13.52 10.71 5.42
CA THR A 81 -13.51 9.68 6.46
C THR A 81 -13.12 8.34 5.82
N VAL A 82 -13.80 7.95 4.75
CA VAL A 82 -13.46 6.73 4.05
C VAL A 82 -12.03 6.77 3.48
N GLY A 83 -11.62 7.93 2.95
CA GLY A 83 -10.22 8.26 2.72
C GLY A 83 -9.32 7.79 3.85
N TRP A 84 -9.66 8.20 5.07
CA TRP A 84 -8.85 7.88 6.24
C TRP A 84 -8.96 6.43 6.69
N CYS A 85 -10.12 5.82 6.51
CA CYS A 85 -10.27 4.38 6.65
C CYS A 85 -9.25 3.62 5.76
N VAL A 86 -9.10 3.99 4.49
CA VAL A 86 -8.08 3.33 3.67
C VAL A 86 -6.67 3.51 4.23
N GLU A 87 -6.35 4.69 4.76
CA GLU A 87 -4.99 4.95 5.38
C GLU A 87 -4.77 4.14 6.63
N LEU A 88 -5.82 3.91 7.37
CA LEU A 88 -5.78 3.03 8.52
C LEU A 88 -5.55 1.55 8.15
N LEU A 89 -6.08 1.12 7.01
CA LEU A 89 -5.84 -0.23 6.54
C LEU A 89 -4.39 -0.37 6.20
N GLN A 90 -3.89 0.59 5.45
CA GLN A 90 -2.46 0.68 5.20
C GLN A 90 -1.59 0.59 6.47
N ALA A 91 -1.80 1.50 7.42
CA ALA A 91 -1.19 1.47 8.75
C ALA A 91 -1.25 0.12 9.42
N PHE A 92 -2.44 -0.44 9.50
CA PHE A 92 -2.59 -1.83 9.92
C PHE A 92 -1.56 -2.78 9.30
N PHE A 93 -1.57 -2.93 7.98
CA PHE A 93 -0.68 -3.88 7.30
C PHE A 93 0.75 -3.53 7.46
N LEU A 94 1.09 -2.23 7.51
CA LEU A 94 2.50 -1.83 7.57
C LEU A 94 3.08 -2.15 8.93
N VAL A 95 2.36 -1.81 10.00
CA VAL A 95 2.86 -2.18 11.32
C VAL A 95 3.17 -3.69 11.43
N ALA A 96 2.29 -4.54 10.94
CA ALA A 96 2.51 -6.00 10.91
C ALA A 96 3.64 -6.42 9.98
N ASP A 97 3.69 -5.79 8.83
CA ASP A 97 4.69 -6.13 7.79
C ASP A 97 6.11 -5.79 8.24
N ASP A 98 6.24 -4.68 8.97
CA ASP A 98 7.55 -4.25 9.54
C ASP A 98 8.09 -5.23 10.57
N ILE A 99 7.22 -5.77 11.40
CA ILE A 99 7.62 -6.89 12.26
C ILE A 99 7.99 -8.09 11.43
N MET A 100 7.15 -8.53 10.49
CA MET A 100 7.46 -9.80 9.81
C MET A 100 8.64 -9.69 8.82
N ASP A 101 8.93 -8.49 8.35
CA ASP A 101 10.07 -8.25 7.48
C ASP A 101 11.33 -7.85 8.28
N SER A 102 11.22 -7.83 9.61
CA SER A 102 12.34 -7.34 10.46
C SER A 102 12.89 -5.98 10.10
N SER A 103 12.03 -5.07 9.69
CA SER A 103 12.50 -3.80 9.19
C SER A 103 12.85 -2.88 10.34
N LEU A 104 13.60 -1.82 10.02
CA LEU A 104 14.14 -0.89 11.03
C LEU A 104 13.43 0.48 11.02
N THR A 105 13.21 1.06 9.82
CA THR A 105 12.58 2.39 9.69
C THR A 105 11.37 2.29 8.78
N ARG A 106 10.43 3.17 9.06
CA ARG A 106 9.28 3.45 8.21
C ARG A 106 8.96 4.95 8.25
N ARG A 107 8.77 5.57 7.09
CA ARG A 107 8.38 6.98 7.04
C ARG A 107 9.41 7.88 7.76
N GLY A 108 10.67 7.43 7.78
CA GLY A 108 11.79 8.21 8.30
C GLY A 108 11.80 8.29 9.80
N GLN A 109 11.15 7.34 10.47
CA GLN A 109 11.37 7.10 11.88
C GLN A 109 11.44 5.61 12.15
N ILE A 110 11.74 5.25 13.38
CA ILE A 110 11.90 3.86 13.77
C ILE A 110 10.52 3.20 13.61
N CYS A 111 10.52 1.96 13.13
CA CYS A 111 9.29 1.15 13.12
C CYS A 111 8.70 1.10 14.53
N TRP A 112 7.37 1.16 14.59
CA TRP A 112 6.62 1.12 15.84
C TRP A 112 7.12 -0.01 16.76
N TYR A 113 7.23 -1.24 16.24
CA TYR A 113 7.68 -2.38 17.03
C TYR A 113 9.08 -2.29 17.57
N GLN A 114 9.92 -1.47 16.94
CA GLN A 114 11.30 -1.21 17.42
C GLN A 114 11.43 -0.07 18.41
N LYS A 115 10.34 0.62 18.70
CA LYS A 115 10.34 1.51 19.81
C LYS A 115 10.54 0.76 21.09
N PRO A 116 11.49 1.24 21.92
CA PRO A 116 11.52 0.91 23.35
C PRO A 116 10.13 1.03 23.94
N GLY A 117 9.65 -0.05 24.55
CA GLY A 117 8.32 -0.04 25.19
C GLY A 117 7.17 -0.64 24.41
N VAL A 118 7.39 -0.97 23.13
CA VAL A 118 6.32 -1.52 22.29
C VAL A 118 6.54 -3.00 22.01
N GLY A 119 7.62 -3.30 21.27
CA GLY A 119 7.81 -4.53 20.52
C GLY A 119 6.53 -5.15 20.08
N LEU A 120 6.26 -6.34 20.59
CA LEU A 120 5.34 -7.26 20.00
C LEU A 120 3.94 -6.97 20.47
N ASP A 121 3.76 -6.09 21.46
CA ASP A 121 2.47 -5.40 21.67
C ASP A 121 1.89 -4.72 20.42
N ALA A 122 2.79 -4.30 19.53
CA ALA A 122 2.44 -3.83 18.18
C ALA A 122 1.44 -4.68 17.45
N ILE A 123 1.49 -5.97 17.73
CA ILE A 123 0.51 -6.90 17.15
C ILE A 123 -0.93 -6.48 17.48
N ASN A 124 -1.21 -6.18 18.75
CA ASN A 124 -2.55 -5.78 19.12
C ASN A 124 -2.80 -4.34 18.68
N ASP A 125 -1.77 -3.50 18.80
CA ASP A 125 -1.87 -2.18 18.19
C ASP A 125 -2.40 -2.25 16.75
N ALA A 126 -1.83 -3.13 15.93
CA ALA A 126 -2.30 -3.27 14.54
C ALA A 126 -3.77 -3.71 14.44
N ASN A 127 -4.18 -4.67 15.25
CA ASN A 127 -5.52 -5.13 15.14
C ASN A 127 -6.52 -4.00 15.45
N LEU A 128 -6.13 -3.13 16.38
CA LEU A 128 -6.92 -1.95 16.78
C LEU A 128 -7.09 -0.99 15.64
N LEU A 129 -5.99 -0.73 14.93
CA LEU A 129 -6.06 0.13 13.71
C LEU A 129 -7.05 -0.42 12.73
N GLU A 130 -7.07 -1.75 12.63
CA GLU A 130 -8.02 -2.39 11.73
C GLU A 130 -9.46 -2.19 12.21
N ALA A 131 -9.71 -2.47 13.47
CA ALA A 131 -11.04 -2.15 14.07
C ALA A 131 -11.56 -0.72 13.84
N CYS A 132 -10.66 0.26 13.77
CA CYS A 132 -11.09 1.65 13.71
C CYS A 132 -11.80 1.99 12.41
N ILE A 133 -11.31 1.35 11.34
CA ILE A 133 -11.93 1.41 10.04
C ILE A 133 -13.43 1.28 10.25
N TYR A 134 -13.85 0.20 10.94
CA TYR A 134 -15.27 -0.19 10.97
C TYR A 134 -15.99 0.66 11.97
N ARG A 135 -15.30 1.08 13.02
CA ARG A 135 -15.87 2.12 13.90
C ARG A 135 -16.27 3.37 13.11
N LEU A 136 -15.39 3.87 12.25
CA LEU A 136 -15.66 5.09 11.50
C LEU A 136 -16.78 4.87 10.52
N LEU A 137 -16.74 3.77 9.76
CA LEU A 137 -17.81 3.47 8.81
C LEU A 137 -19.18 3.51 9.49
N LYS A 138 -19.28 2.95 10.68
CA LYS A 138 -20.57 2.89 11.36
C LYS A 138 -20.98 4.32 11.79
N LEU A 139 -20.00 5.08 12.27
CA LEU A 139 -20.21 6.48 12.66
C LEU A 139 -20.70 7.34 11.52
N TYR A 140 -20.01 7.27 10.39
CA TYR A 140 -20.26 8.23 9.33
C TYR A 140 -21.17 7.70 8.24
N CYS A 141 -21.28 6.39 8.05
CA CYS A 141 -21.90 5.84 6.82
C CYS A 141 -22.99 4.82 7.07
N ARG A 142 -23.34 4.63 8.34
CA ARG A 142 -24.28 3.61 8.81
C ARG A 142 -25.64 3.71 8.11
N GLU A 143 -26.03 4.94 7.77
CA GLU A 143 -27.34 5.16 7.14
C GLU A 143 -27.23 5.41 5.64
N GLN A 144 -26.10 5.12 5.01
CA GLN A 144 -26.02 5.26 3.55
C GLN A 144 -26.39 3.94 2.92
N PRO A 145 -26.88 3.95 1.66
CA PRO A 145 -27.18 2.67 0.97
C PRO A 145 -25.93 1.92 0.52
N TYR A 146 -24.78 2.60 0.53
CA TYR A 146 -23.51 1.91 0.26
C TYR A 146 -22.78 1.27 1.47
N TYR A 147 -23.40 1.31 2.66
CA TYR A 147 -22.72 1.02 3.95
C TYR A 147 -22.12 -0.39 3.97
N LEU A 148 -22.97 -1.34 3.62
CA LEU A 148 -22.62 -2.72 3.52
C LEU A 148 -21.69 -3.02 2.35
N ASN A 149 -21.89 -2.39 1.19
CA ASN A 149 -20.87 -2.50 0.12
C ASN A 149 -19.44 -2.10 0.57
N LEU A 150 -19.35 -1.06 1.38
CA LEU A 150 -18.05 -0.57 1.82
C LEU A 150 -17.48 -1.55 2.85
N ILE A 151 -18.31 -1.98 3.79
CA ILE A 151 -17.83 -2.96 4.78
C ILE A 151 -17.26 -4.20 4.08
N GLU A 152 -18.02 -4.79 3.18
CA GLU A 152 -17.58 -5.98 2.45
C GLU A 152 -16.35 -5.68 1.59
N LEU A 153 -16.24 -4.51 0.98
CA LEU A 153 -15.03 -4.16 0.22
C LEU A 153 -13.74 -4.07 1.05
N PHE A 154 -13.83 -3.40 2.20
CA PHE A 154 -12.70 -3.33 3.09
C PHE A 154 -12.30 -4.75 3.64
N LEU A 155 -13.27 -5.58 3.95
CA LEU A 155 -12.97 -6.95 4.45
C LEU A 155 -12.31 -7.80 3.36
N GLN A 156 -12.81 -7.70 2.14
CA GLN A 156 -12.37 -8.55 1.05
C GLN A 156 -10.99 -8.07 0.64
N SER A 157 -10.77 -6.76 0.63
CA SER A 157 -9.46 -6.25 0.33
C SER A 157 -8.42 -6.66 1.40
N SER A 158 -8.84 -6.80 2.65
CA SER A 158 -7.95 -7.30 3.69
C SER A 158 -7.62 -8.77 3.54
N TYR A 159 -8.62 -9.58 3.34
CA TYR A 159 -8.40 -11.03 3.03
C TYR A 159 -7.42 -11.17 1.89
N GLN A 160 -7.64 -10.42 0.80
CA GLN A 160 -6.81 -10.55 -0.39
C GLN A 160 -5.39 -10.14 -0.07
N THR A 161 -5.20 -9.11 0.74
CA THR A 161 -3.84 -8.68 1.01
C THR A 161 -3.17 -9.66 1.98
N GLU A 162 -3.95 -10.29 2.85
CA GLU A 162 -3.40 -11.34 3.73
C GLU A 162 -3.05 -12.61 2.95
N ILE A 163 -3.90 -13.00 2.02
CA ILE A 163 -3.51 -14.11 1.14
C ILE A 163 -2.17 -13.76 0.45
N GLY A 164 -2.02 -12.50 -0.01
CA GLY A 164 -0.83 -12.05 -0.69
C GLY A 164 0.37 -12.03 0.23
N GLN A 165 0.16 -11.55 1.44
CA GLN A 165 1.22 -11.64 2.44
C GLN A 165 1.65 -13.08 2.69
N THR A 166 0.71 -14.01 2.84
CA THR A 166 1.06 -15.40 3.04
C THR A 166 1.95 -15.89 1.90
N LEU A 167 1.62 -15.51 0.68
CA LEU A 167 2.42 -15.91 -0.49
C LEU A 167 3.80 -15.26 -0.43
N ASP A 168 3.81 -13.96 -0.14
CA ASP A 168 5.05 -13.22 0.06
C ASP A 168 6.00 -13.98 1.02
N LEU A 169 5.48 -14.48 2.16
CA LEU A 169 6.39 -15.12 3.20
C LEU A 169 6.67 -16.59 2.94
N LEU A 170 5.75 -17.31 2.33
CA LEU A 170 6.04 -18.70 1.95
C LEU A 170 7.12 -18.82 0.88
N THR A 171 7.26 -17.80 0.05
CA THR A 171 8.24 -17.82 -1.02
C THR A 171 9.59 -17.33 -0.49
N ALA A 172 9.63 -16.95 0.77
CA ALA A 172 10.84 -16.39 1.37
C ALA A 172 11.09 -16.93 2.78
N PRO A 173 11.20 -18.26 2.93
CA PRO A 173 11.68 -18.82 4.21
C PRO A 173 13.11 -18.35 4.57
N GLN A 174 13.30 -17.98 5.84
CA GLN A 174 14.63 -17.61 6.39
C GLN A 174 15.51 -18.86 6.36
N GLY A 175 16.72 -18.73 5.86
CA GLY A 175 17.68 -19.82 5.84
C GLY A 175 17.46 -20.88 4.78
N ASN A 176 16.58 -20.61 3.81
CA ASN A 176 16.35 -21.50 2.67
C ASN A 176 16.42 -20.70 1.40
N VAL A 177 17.62 -20.61 0.82
CA VAL A 177 17.75 -20.29 -0.61
C VAL A 177 17.26 -21.46 -1.42
N ASP A 178 16.02 -21.39 -1.90
CA ASP A 178 15.75 -21.78 -3.29
C ASP A 178 15.46 -20.52 -4.15
N LEU A 179 16.32 -20.34 -5.14
CA LEU A 179 16.13 -19.38 -6.21
C LEU A 179 15.15 -19.89 -7.27
N VAL A 180 14.83 -21.18 -7.24
CA VAL A 180 13.96 -21.76 -8.23
C VAL A 180 12.51 -21.31 -8.04
N ARG A 181 12.18 -20.89 -6.84
CA ARG A 181 10.83 -20.40 -6.52
C ARG A 181 10.51 -19.07 -7.22
N PHE A 182 11.55 -18.30 -7.56
CA PHE A 182 11.42 -16.90 -7.89
C PHE A 182 11.20 -16.72 -9.37
N THR A 183 9.96 -16.94 -9.84
CA THR A 183 9.58 -16.81 -11.24
C THR A 183 8.72 -15.57 -11.49
N GLU A 184 8.43 -15.31 -12.76
CA GLU A 184 7.47 -14.26 -13.15
C GLU A 184 6.05 -14.62 -12.72
N LYS A 185 5.62 -15.86 -13.00
CA LYS A 185 4.27 -16.25 -12.62
C LYS A 185 4.11 -15.92 -11.13
N ARG A 186 5.08 -16.35 -10.34
CA ARG A 186 4.92 -16.32 -8.90
C ARG A 186 4.93 -14.84 -8.43
N TYR A 187 5.82 -14.01 -9.01
CA TYR A 187 5.97 -12.63 -8.62
C TYR A 187 4.65 -11.89 -8.90
N LYS A 188 4.24 -11.91 -10.16
CA LYS A 188 2.99 -11.28 -10.60
C LYS A 188 1.84 -11.60 -9.65
N SER A 189 1.78 -12.84 -9.21
CA SER A 189 0.73 -13.34 -8.37
C SER A 189 0.82 -12.77 -6.93
N ILE A 190 2.02 -12.76 -6.39
CA ILE A 190 2.27 -12.19 -5.09
C ILE A 190 1.83 -10.73 -5.05
N VAL A 191 2.28 -9.94 -6.01
CA VAL A 191 2.08 -8.49 -5.98
C VAL A 191 0.61 -8.08 -6.24
N LYS A 192 -0.09 -8.89 -7.04
CA LYS A 192 -1.52 -8.72 -7.22
C LYS A 192 -2.26 -8.69 -5.92
N TYR A 193 -2.03 -9.71 -5.10
CA TYR A 193 -2.77 -9.88 -3.85
C TYR A 193 -2.24 -9.00 -2.70
N LYS A 194 -0.92 -8.86 -2.57
CA LYS A 194 -0.30 -8.18 -1.44
C LYS A 194 -0.33 -6.67 -1.53
N THR A 195 -0.42 -6.11 -2.76
CA THR A 195 -0.39 -4.64 -2.93
C THR A 195 -1.53 -4.06 -3.79
N ALA A 196 -1.97 -4.81 -4.77
CA ALA A 196 -2.68 -4.21 -5.88
C ALA A 196 -4.16 -4.01 -5.56
N PHE A 197 -4.80 -4.96 -4.91
CA PHE A 197 -6.14 -4.76 -4.45
C PHE A 197 -6.24 -3.58 -3.49
N TYR A 198 -5.45 -3.54 -2.43
CA TYR A 198 -5.73 -2.53 -1.39
C TYR A 198 -5.20 -1.15 -1.73
N SER A 199 -4.22 -1.06 -2.61
CA SER A 199 -3.59 0.24 -2.86
C SER A 199 -4.17 0.93 -4.09
N PHE A 200 -4.85 0.19 -4.93
CA PHE A 200 -5.35 0.75 -6.18
C PHE A 200 -6.84 0.52 -6.41
N TYR A 201 -7.26 -0.75 -6.37
CA TYR A 201 -8.68 -1.02 -6.50
C TYR A 201 -9.52 -0.41 -5.33
N LEU A 202 -9.13 -0.70 -4.10
CA LEU A 202 -9.92 -0.37 -2.93
C LEU A 202 -10.32 1.11 -2.96
N PRO A 203 -9.35 2.03 -3.04
CA PRO A 203 -9.79 3.42 -2.84
C PRO A 203 -10.73 3.92 -3.95
N ILE A 204 -10.45 3.54 -5.19
CA ILE A 204 -11.29 3.95 -6.28
C ILE A 204 -12.64 3.28 -6.20
N ALA A 205 -12.65 2.01 -5.86
CA ALA A 205 -13.92 1.27 -5.74
C ALA A 205 -14.72 1.87 -4.64
N ALA A 206 -14.06 2.32 -3.58
CA ALA A 206 -14.77 2.97 -2.46
C ALA A 206 -15.54 4.19 -2.95
N ALA A 207 -14.90 4.98 -3.78
CA ALA A 207 -15.51 6.24 -4.19
C ALA A 207 -16.59 5.97 -5.26
N MET A 208 -16.40 4.91 -6.04
CA MET A 208 -17.47 4.41 -6.91
C MET A 208 -18.74 4.05 -6.15
N TYR A 209 -18.66 3.25 -5.11
CA TYR A 209 -19.89 2.91 -4.36
C TYR A 209 -20.48 4.11 -3.62
N MET A 210 -19.64 5.02 -3.17
CA MET A 210 -20.09 6.29 -2.60
C MET A 210 -20.85 7.22 -3.57
N ALA A 211 -20.54 7.12 -4.86
CA ALA A 211 -21.25 7.87 -5.86
C ALA A 211 -22.35 7.06 -6.53
N GLY A 212 -22.73 5.93 -5.94
CA GLY A 212 -23.81 5.11 -6.47
C GLY A 212 -23.47 4.31 -7.71
N ILE A 213 -22.19 4.14 -8.03
CA ILE A 213 -21.78 3.42 -9.22
C ILE A 213 -21.38 2.08 -8.73
N ASP A 214 -22.27 1.11 -8.84
CA ASP A 214 -22.04 -0.13 -8.15
C ASP A 214 -22.27 -1.37 -8.99
N GLY A 215 -22.28 -1.24 -10.32
CA GLY A 215 -22.47 -2.38 -11.22
C GLY A 215 -21.22 -3.22 -11.32
N GLU A 216 -21.38 -4.51 -11.51
CA GLU A 216 -20.23 -5.40 -11.60
C GLU A 216 -19.25 -4.98 -12.72
N LYS A 217 -19.77 -4.65 -13.88
CA LYS A 217 -18.91 -4.41 -15.06
C LYS A 217 -18.06 -3.10 -14.99
N GLU A 218 -18.63 -2.03 -14.47
CA GLU A 218 -17.86 -0.82 -14.20
C GLU A 218 -16.72 -1.12 -13.22
N HIS A 219 -16.96 -2.01 -12.25
CA HIS A 219 -15.96 -2.30 -11.22
C HIS A 219 -14.89 -3.16 -11.78
N ALA A 220 -15.31 -4.22 -12.47
CA ALA A 220 -14.39 -5.09 -13.19
C ALA A 220 -13.48 -4.31 -14.15
N ASN A 221 -14.02 -3.37 -14.90
CA ASN A 221 -13.18 -2.56 -15.82
C ASN A 221 -12.21 -1.60 -15.13
N ALA A 222 -12.68 -0.94 -14.07
CA ALA A 222 -11.81 -0.17 -13.19
C ALA A 222 -10.67 -1.04 -12.66
N LYS A 223 -11.04 -2.20 -12.14
CA LYS A 223 -10.12 -3.20 -11.64
C LYS A 223 -9.01 -3.60 -12.64
N LYS A 224 -9.39 -3.82 -13.89
CA LYS A 224 -8.38 -4.19 -14.90
C LYS A 224 -7.29 -3.09 -14.93
N ILE A 225 -7.70 -1.83 -14.99
CA ILE A 225 -6.72 -0.76 -14.97
C ILE A 225 -5.91 -0.85 -13.68
N LEU A 226 -6.61 -0.89 -12.54
CA LEU A 226 -5.97 -0.62 -11.27
C LEU A 226 -5.06 -1.80 -10.81
N LEU A 227 -5.41 -3.07 -11.10
CA LEU A 227 -4.49 -4.18 -10.76
C LEU A 227 -3.15 -4.03 -11.46
N GLU A 228 -3.18 -3.53 -12.69
CA GLU A 228 -1.95 -3.37 -13.43
C GLU A 228 -1.12 -2.19 -12.93
N MET A 229 -1.76 -1.10 -12.55
CA MET A 229 -1.03 0.01 -11.89
C MET A 229 -0.38 -0.48 -10.57
N GLY A 230 -1.08 -1.33 -9.84
CA GLY A 230 -0.56 -1.80 -8.56
C GLY A 230 0.61 -2.75 -8.71
N GLU A 231 0.59 -3.57 -9.76
CA GLU A 231 1.76 -4.37 -10.11
C GLU A 231 2.96 -3.44 -10.32
N PHE A 232 2.81 -2.43 -11.18
CA PHE A 232 3.92 -1.53 -11.49
C PHE A 232 4.42 -0.87 -10.19
N PHE A 233 3.48 -0.41 -9.38
CA PHE A 233 3.80 0.23 -8.12
C PHE A 233 4.67 -0.66 -7.27
N GLN A 234 4.37 -1.96 -7.22
CA GLN A 234 5.15 -2.85 -6.34
C GLN A 234 6.56 -3.06 -6.87
N ILE A 235 6.72 -2.95 -8.19
CA ILE A 235 8.02 -3.22 -8.82
C ILE A 235 8.90 -2.04 -8.53
N GLN A 236 8.34 -0.85 -8.65
CA GLN A 236 8.95 0.37 -8.09
C GLN A 236 9.43 0.27 -6.65
N ASP A 237 8.57 -0.29 -5.80
CA ASP A 237 8.82 -0.53 -4.37
C ASP A 237 10.01 -1.44 -4.19
N ASP A 238 10.03 -2.51 -4.98
CA ASP A 238 11.16 -3.43 -4.99
C ASP A 238 12.44 -2.81 -5.46
N TYR A 239 12.37 -2.03 -6.53
CA TYR A 239 13.57 -1.26 -6.97
C TYR A 239 14.09 -0.28 -5.91
N LEU A 240 13.20 0.54 -5.38
CA LEU A 240 13.56 1.50 -4.33
C LEU A 240 14.07 0.82 -3.06
N ASP A 241 13.69 -0.44 -2.78
CA ASP A 241 14.16 -1.12 -1.55
C ASP A 241 15.69 -1.20 -1.59
N LEU A 242 16.26 -1.49 -2.76
CA LEU A 242 17.72 -1.53 -2.92
C LEU A 242 18.39 -0.21 -3.41
N PHE A 243 17.81 0.42 -4.43
CA PHE A 243 18.47 1.53 -5.13
C PHE A 243 17.94 2.89 -4.73
N GLY A 244 17.07 2.98 -3.70
CA GLY A 244 16.53 4.27 -3.27
C GLY A 244 17.26 4.91 -2.12
N ASP A 245 17.07 6.22 -1.96
CA ASP A 245 17.62 6.97 -0.85
C ASP A 245 16.76 6.76 0.40
N PRO A 246 17.26 6.05 1.43
CA PRO A 246 16.46 5.89 2.66
C PRO A 246 16.06 7.19 3.38
N SER A 247 16.67 8.31 3.00
CA SER A 247 16.20 9.62 3.49
C SER A 247 15.04 10.18 2.68
N VAL A 248 14.80 9.60 1.51
CA VAL A 248 13.67 9.99 0.66
C VAL A 248 12.53 8.97 0.77
N THR A 249 12.87 7.69 0.64
CA THR A 249 11.91 6.62 0.92
C THR A 249 11.44 6.66 2.37
N GLY A 250 12.33 7.05 3.29
CA GLY A 250 12.01 6.95 4.72
C GLY A 250 12.17 5.55 5.29
N LYS A 251 12.76 4.62 4.54
CA LYS A 251 12.88 3.27 5.07
C LYS A 251 14.09 2.51 4.51
N ILE A 252 14.74 1.75 5.39
CA ILE A 252 15.89 0.93 5.02
C ILE A 252 15.44 -0.39 4.42
N GLY A 253 16.08 -0.78 3.32
CA GLY A 253 15.73 -1.96 2.56
C GLY A 253 16.08 -3.24 3.29
N THR A 254 15.35 -4.32 2.99
CA THR A 254 15.57 -5.63 3.63
C THR A 254 15.46 -6.82 2.70
N ASP A 255 15.14 -6.61 1.43
CA ASP A 255 14.57 -7.68 0.61
C ASP A 255 15.58 -8.81 0.38
N ILE A 256 16.85 -8.48 0.17
CA ILE A 256 17.90 -9.50 -0.08
C ILE A 256 18.16 -10.32 1.17
N GLN A 257 18.43 -9.63 2.27
CA GLN A 257 18.41 -10.21 3.63
C GLN A 257 17.26 -11.17 3.92
N ASP A 258 16.00 -10.70 3.78
CA ASP A 258 14.84 -11.51 4.09
C ASP A 258 14.50 -12.52 2.98
N ASN A 259 15.38 -12.73 2.01
CA ASN A 259 15.20 -13.76 1.01
C ASN A 259 13.97 -13.58 0.14
N LYS A 260 13.68 -12.33 -0.27
CA LYS A 260 12.36 -12.01 -0.87
C LYS A 260 12.37 -12.28 -2.38
N CYS A 261 11.22 -12.66 -2.91
CA CYS A 261 10.93 -12.60 -4.35
C CYS A 261 10.65 -11.17 -4.85
N SER A 262 11.68 -10.34 -4.76
CA SER A 262 11.73 -9.02 -5.34
C SER A 262 11.78 -9.12 -6.87
N TRP A 263 11.34 -8.04 -7.51
CA TRP A 263 11.38 -7.97 -8.96
C TRP A 263 12.83 -8.07 -9.43
N LEU A 264 13.74 -7.51 -8.65
CA LEU A 264 15.13 -7.43 -9.06
C LEU A 264 15.71 -8.85 -9.18
N VAL A 265 15.64 -9.62 -8.10
CA VAL A 265 16.03 -11.04 -8.15
C VAL A 265 15.40 -11.88 -9.27
N VAL A 266 14.14 -11.60 -9.67
CA VAL A 266 13.52 -12.38 -10.75
C VAL A 266 14.16 -12.04 -12.11
N GLN A 267 14.38 -10.74 -12.31
CA GLN A 267 15.10 -10.21 -13.46
C GLN A 267 16.53 -10.74 -13.52
N CYS A 268 17.31 -10.50 -12.47
CA CYS A 268 18.60 -11.16 -12.27
C CYS A 268 18.64 -12.61 -12.73
N LEU A 269 17.67 -13.39 -12.29
CA LEU A 269 17.64 -14.81 -12.62
C LEU A 269 17.42 -15.07 -14.10
N GLN A 270 16.77 -14.14 -14.79
CA GLN A 270 16.43 -14.28 -16.21
C GLN A 270 17.66 -14.01 -17.04
N ARG A 271 18.60 -13.25 -16.49
CA ARG A 271 19.79 -12.80 -17.21
C ARG A 271 21.07 -13.58 -16.83
N ALA A 272 21.07 -14.25 -15.68
CA ALA A 272 22.34 -14.60 -15.02
C ALA A 272 22.99 -15.76 -15.75
N THR A 273 24.27 -15.61 -16.08
CA THR A 273 25.08 -16.73 -16.50
C THR A 273 25.01 -17.77 -15.42
N PRO A 274 25.47 -18.99 -15.70
CA PRO A 274 25.50 -19.99 -14.62
C PRO A 274 26.43 -19.61 -13.46
N GLU A 275 27.54 -18.95 -13.75
CA GLU A 275 28.50 -18.61 -12.70
C GLU A 275 27.89 -17.52 -11.82
N GLN A 276 27.23 -16.57 -12.48
CA GLN A 276 26.35 -15.64 -11.79
C GLN A 276 25.25 -16.28 -10.93
N TYR A 277 24.52 -17.26 -11.47
CA TYR A 277 23.59 -18.01 -10.65
C TYR A 277 24.15 -18.36 -9.25
N GLN A 278 25.43 -18.73 -9.19
CA GLN A 278 26.02 -19.27 -7.98
C GLN A 278 26.41 -18.18 -6.98
N ILE A 279 26.93 -17.07 -7.49
CA ILE A 279 27.22 -15.92 -6.64
C ILE A 279 25.95 -15.53 -5.91
N LEU A 280 24.84 -15.53 -6.66
CA LEU A 280 23.52 -15.25 -6.12
C LEU A 280 23.09 -16.32 -5.14
N LYS A 281 23.29 -17.57 -5.51
CA LYS A 281 23.00 -18.68 -4.61
C LYS A 281 23.67 -18.54 -3.23
N GLU A 282 24.92 -18.10 -3.23
CA GLU A 282 25.74 -18.18 -2.04
C GLU A 282 25.52 -16.95 -1.18
N ASN A 283 24.99 -15.88 -1.77
CA ASN A 283 25.00 -14.58 -1.08
C ASN A 283 23.60 -14.04 -0.67
N TYR A 284 22.54 -14.70 -1.12
CA TYR A 284 21.19 -14.14 -1.12
C TYR A 284 20.49 -14.65 0.14
N GLY A 285 19.61 -13.85 0.70
CA GLY A 285 18.86 -14.30 1.86
C GLY A 285 19.68 -14.44 3.12
N GLN A 286 20.71 -13.63 3.24
CA GLN A 286 21.59 -13.69 4.40
C GLN A 286 21.91 -12.30 4.88
N LYS A 287 22.20 -12.18 6.17
CA LYS A 287 22.18 -10.89 6.85
C LYS A 287 23.53 -10.16 6.77
N GLU A 288 24.57 -10.86 6.33
CA GLU A 288 25.91 -10.28 6.24
C GLU A 288 26.04 -9.18 5.15
N ALA A 289 26.46 -7.98 5.55
CA ALA A 289 26.55 -6.83 4.66
C ALA A 289 27.46 -7.08 3.48
N GLU A 290 28.68 -7.57 3.74
CA GLU A 290 29.56 -8.26 2.76
C GLU A 290 28.78 -8.98 1.62
N LYS A 291 27.82 -9.81 1.99
CA LYS A 291 27.15 -10.69 1.04
C LYS A 291 26.02 -9.99 0.32
N VAL A 292 25.37 -9.04 1.00
CA VAL A 292 24.33 -8.23 0.36
C VAL A 292 24.96 -7.39 -0.73
N ALA A 293 26.03 -6.66 -0.38
CA ALA A 293 26.80 -5.87 -1.37
C ALA A 293 27.19 -6.63 -2.64
N ARG A 294 27.44 -7.91 -2.50
CA ARG A 294 27.79 -8.74 -3.63
C ARG A 294 26.59 -8.91 -4.56
N VAL A 295 25.40 -9.03 -3.98
CA VAL A 295 24.18 -9.20 -4.78
C VAL A 295 23.89 -7.93 -5.58
N LYS A 296 24.01 -6.79 -4.93
CA LYS A 296 23.78 -5.50 -5.55
C LYS A 296 24.74 -5.26 -6.72
N ALA A 297 25.98 -5.67 -6.53
CA ALA A 297 27.03 -5.43 -7.51
C ALA A 297 26.70 -6.25 -8.79
N LEU A 298 26.33 -7.49 -8.59
CA LEU A 298 25.74 -8.30 -9.62
C LEU A 298 24.51 -7.70 -10.35
N TYR A 299 23.53 -7.24 -9.61
CA TYR A 299 22.40 -6.52 -10.21
C TYR A 299 22.89 -5.33 -11.09
N GLU A 300 23.88 -4.61 -10.57
CA GLU A 300 24.46 -3.48 -11.28
C GLU A 300 25.22 -3.96 -12.49
N GLU A 301 25.98 -5.02 -12.29
CA GLU A 301 26.69 -5.65 -13.39
C GLU A 301 25.77 -5.98 -14.54
N LEU A 302 24.53 -6.35 -14.28
CA LEU A 302 23.58 -6.61 -15.37
C LEU A 302 22.59 -5.48 -15.62
N ASP A 303 22.98 -4.25 -15.29
CA ASP A 303 22.30 -3.04 -15.79
C ASP A 303 20.79 -3.07 -15.46
N LEU A 304 20.48 -3.62 -14.30
CA LEU A 304 19.09 -3.83 -13.92
C LEU A 304 18.42 -2.50 -13.55
N PRO A 305 19.19 -1.50 -13.09
CA PRO A 305 18.61 -0.14 -13.02
C PRO A 305 18.20 0.44 -14.39
N ALA A 306 18.94 0.11 -15.44
CA ALA A 306 18.54 0.45 -16.80
C ALA A 306 17.36 -0.40 -17.24
N VAL A 307 17.30 -1.63 -16.77
CA VAL A 307 16.16 -2.49 -17.08
C VAL A 307 14.88 -2.06 -16.36
N PHE A 308 15.00 -1.66 -15.10
CA PHE A 308 13.93 -0.97 -14.43
C PHE A 308 13.40 0.25 -15.14
N LEU A 309 14.30 1.13 -15.57
CA LEU A 309 13.90 2.38 -16.20
C LEU A 309 13.25 2.09 -17.57
N GLN A 310 13.68 1.04 -18.23
CA GLN A 310 12.98 0.58 -19.42
C GLN A 310 11.58 0.05 -19.08
N TYR A 311 11.47 -0.81 -18.05
CA TYR A 311 10.17 -1.44 -17.70
C TYR A 311 9.12 -0.38 -17.30
N GLU A 312 9.56 0.58 -16.52
CA GLU A 312 8.73 1.71 -16.10
C GLU A 312 8.07 2.35 -17.34
N GLU A 313 8.90 2.61 -18.35
CA GLU A 313 8.48 3.24 -19.61
C GLU A 313 7.41 2.41 -20.34
N ASP A 314 7.66 1.11 -20.53
CA ASP A 314 6.70 0.25 -21.24
C ASP A 314 5.41 -0.03 -20.47
N SER A 315 5.52 -0.27 -19.16
CA SER A 315 4.36 -0.43 -18.29
C SER A 315 3.46 0.81 -18.31
N TYR A 316 4.05 1.99 -18.16
CA TYR A 316 3.26 3.22 -18.24
C TYR A 316 2.46 3.31 -19.56
N SER A 317 3.08 2.96 -20.69
CA SER A 317 2.33 2.99 -21.95
C SER A 317 1.17 2.04 -21.96
N HIS A 318 1.42 0.83 -21.48
CA HIS A 318 0.38 -0.16 -21.28
C HIS A 318 -0.74 0.29 -20.34
N ILE A 319 -0.41 0.80 -19.17
CA ILE A 319 -1.47 1.30 -18.30
C ILE A 319 -2.33 2.30 -19.11
N MET A 320 -1.65 3.23 -19.81
CA MET A 320 -2.36 4.28 -20.56
C MET A 320 -3.23 3.62 -21.63
N ALA A 321 -2.75 2.59 -22.30
CA ALA A 321 -3.63 1.86 -23.25
C ALA A 321 -4.89 1.34 -22.53
N LEU A 322 -4.69 0.79 -21.33
CA LEU A 322 -5.78 0.22 -20.55
C LEU A 322 -6.79 1.26 -20.12
N ILE A 323 -6.29 2.45 -19.80
CA ILE A 323 -7.19 3.57 -19.59
C ILE A 323 -7.97 3.95 -20.84
N GLU A 324 -7.29 4.07 -21.97
CA GLU A 324 -8.01 4.30 -23.24
C GLU A 324 -9.05 3.25 -23.46
N GLN A 325 -8.74 2.00 -23.14
CA GLN A 325 -9.71 0.91 -23.31
C GLN A 325 -10.90 0.90 -22.31
N TYR A 326 -10.64 1.13 -21.03
CA TYR A 326 -11.51 0.58 -19.97
C TYR A 326 -12.06 1.67 -19.05
N ALA A 327 -11.59 2.91 -19.18
CA ALA A 327 -12.06 4.01 -18.31
C ALA A 327 -13.55 4.33 -18.42
N ALA A 328 -14.03 4.48 -19.64
CA ALA A 328 -15.46 4.72 -19.96
C ALA A 328 -16.44 3.85 -19.15
N PRO A 329 -17.51 4.46 -18.65
CA PRO A 329 -17.88 5.86 -18.65
C PRO A 329 -17.26 6.74 -17.55
N LEU A 330 -16.22 6.28 -16.87
CA LEU A 330 -15.60 7.12 -15.85
C LEU A 330 -14.69 8.18 -16.52
N PRO A 331 -14.48 9.32 -15.86
CA PRO A 331 -13.59 10.33 -16.42
C PRO A 331 -12.15 9.82 -16.37
N PRO A 332 -11.41 9.93 -17.48
CA PRO A 332 -10.05 9.40 -17.47
C PRO A 332 -9.20 10.05 -16.42
N ALA A 333 -9.57 11.27 -16.03
CA ALA A 333 -8.81 12.01 -15.04
C ALA A 333 -8.64 11.19 -13.75
N VAL A 334 -9.68 10.47 -13.39
CA VAL A 334 -9.60 9.54 -12.26
C VAL A 334 -8.33 8.69 -12.26
N PHE A 335 -8.08 7.99 -13.37
CA PHE A 335 -6.91 7.11 -13.47
C PHE A 335 -5.65 7.91 -13.74
N LEU A 336 -5.74 8.86 -14.65
CA LEU A 336 -4.54 9.64 -15.02
C LEU A 336 -3.92 10.31 -13.82
N GLY A 337 -4.75 10.89 -12.94
CA GLY A 337 -4.23 11.71 -11.84
C GLY A 337 -3.47 10.82 -10.89
N LEU A 338 -4.02 9.63 -10.60
CA LEU A 338 -3.31 8.62 -9.80
C LEU A 338 -2.05 8.09 -10.47
N ALA A 339 -2.07 7.87 -11.78
CA ALA A 339 -0.84 7.50 -12.52
C ALA A 339 0.26 8.58 -12.41
N ARG A 340 -0.12 9.83 -12.58
CA ARG A 340 0.88 10.88 -12.64
C ARG A 340 1.58 10.94 -11.28
N LYS A 341 0.84 10.64 -10.20
CA LYS A 341 1.38 10.78 -8.84
C LYS A 341 2.28 9.61 -8.45
N ILE A 342 2.22 8.48 -9.20
CA ILE A 342 3.25 7.41 -9.01
C ILE A 342 4.31 7.28 -10.10
N TYR A 343 4.15 7.95 -11.25
CA TYR A 343 5.23 8.01 -12.25
C TYR A 343 6.55 8.53 -11.69
N LYS A 344 7.59 7.71 -11.84
CA LYS A 344 8.96 8.11 -11.52
C LYS A 344 9.11 8.59 -10.07
N ARG A 345 8.22 8.12 -9.19
CA ARG A 345 8.32 8.43 -7.75
C ARG A 345 9.62 7.86 -7.20
N ARG A 346 10.12 8.50 -6.16
CA ARG A 346 11.37 8.10 -5.53
C ARG A 346 11.20 7.94 -4.02
N LYS A 347 10.01 8.26 -3.52
CA LYS A 347 9.47 7.68 -2.28
C LYS A 347 8.14 6.99 -2.54
O17 ZOL B . 8.49 -2.30 1.17
P14 ZOL B . 7.42 -2.21 2.22
O16 ZOL B . 7.72 -2.96 3.43
O15 ZOL B . 6.72 -0.95 2.50
C8 ZOL B . 6.18 -3.27 1.38
P9 ZOL B . 6.82 -5.03 1.12
O10 ZOL B . 5.74 -5.80 0.48
O11 ZOL B . 8.06 -4.81 0.37
O12 ZOL B . 7.21 -5.54 2.64
O13 ZOL B . 5.97 -2.74 0.08
C7 ZOL B . 4.93 -3.17 2.22
N15 ZOL B . 3.78 -3.93 1.59
C16 ZOL B . 3.17 -3.78 0.43
N17 ZOL B . 2.18 -4.68 0.35
C18 ZOL B . 2.19 -5.40 1.47
C19 ZOL B . 3.14 -4.91 2.25
OAA 1WO C . -0.81 5.68 1.00
CAB 1WO C . 0.36 5.57 1.47
CAC 1WO C . 1.36 4.72 0.93
OAD 1WO C . 1.02 3.96 -0.14
CAE 1WO C . 2.71 4.64 1.41
CAF 1WO C . 3.67 3.69 0.91
CAG 1WO C . 3.17 2.41 1.52
CAH 1WO C . 3.78 3.35 -0.45
CAI 1WO C . 4.42 1.88 -0.52
CAJ 1WO C . 5.36 1.49 0.62
CAK 1WO C . 6.11 2.84 1.07
CAL 1WO C . 6.96 2.65 2.29
CAM 1WO C . 7.02 3.37 -0.07
CAN 1WO C . 5.06 4.01 1.43
CAO 1WO C . 5.10 4.52 2.82
OAP 1WO C . 6.08 4.30 3.60
CAQ 1WO C . 4.12 5.44 3.18
CAR 1WO C . 3.02 5.46 2.47
CAS 1WO C . 2.07 6.17 3.03
CAT 1WO C . 0.77 6.32 2.58
CAU 1WO C . -0.08 7.18 3.27
CAW 1WO C . 0.55 8.48 3.56
CAV 1WO C . -0.31 6.66 4.66
MG MG D . 8.25 -4.70 4.52
MG MG E . 9.51 -3.36 -0.47
MG MG F . 6.50 -7.51 3.23
#